data_6DNS
#
_entry.id   6DNS
#
_cell.length_a   61.914
_cell.length_b   61.914
_cell.length_c   324.395
_cell.angle_alpha   90.000
_cell.angle_beta   90.000
_cell.angle_gamma   90.000
#
_symmetry.space_group_name_H-M   'P 43 21 2'
#
loop_
_entity.id
_entity.type
_entity.pdbx_description
1 polymer Alpha-1,4-endofucoidanase
2 non-polymer 'CALCIUM ION'
3 non-polymer 1,2-ETHANEDIOL
4 water water
#
_entity_poly.entity_id   1
_entity_poly.type   'polypeptide(L)'
_entity_poly.pdbx_seq_one_letter_code
;MKKTLPTKKSNLWFLMACLIITFHKVEAQVPDPNQGLRAEWMRGALGMLWLPERTFNGNIEGIRIDDFLTQIKDIRTVDY
VQLPLTSPNIFSPTHVAPHPIIESLWQGDTDANGDPINLVAPRESVDDPLLSWLKALRAAGLRTEIYVNSYNLLARIPED
TQADYPDVSARWMEWCDTNTEAQAFINSQTYHEGNGRRKYMFCYAEFILKEYAQRYGDLIDAWCFDSADNVMEDECGDDP
ASEDVNDQRIYQAFADACHAGNPNAAIAFNNSVGDREGNPFTSATLFDDYTFGHPFGGAGNMVVPEALYTYNHDLVVFMQ
TNNGYAFRDDTRTWNDNVVAHFFPKQSTTSWNAGNTPCLTDEQFVEWTSTGIVNGGGITWGTPLVRTNLENAPVLTLQPY
ALNQFELTDTYLKEFQSPGKPNWSRQYTILPAIYPGQPYSHNLVEGVDFWDPEGVGITGLTASGTLPAWLTISQTATGTW
TLSGTPPVSEASNYTFELMAQDSDGVTNREVKLEVISHPAGFTNPGDGTPVWFSNPMVLAKATALKDYGSLLKLGVDFYD
FEGDVLTITKTSGPDWLVLTQNSDDTWRLSGMPTAADAGENSFTFNVSDGILSSDTEIKITVD
;
_entity_poly.pdbx_strand_id   A
#
loop_
_chem_comp.id
_chem_comp.type
_chem_comp.name
_chem_comp.formula
CA non-polymer 'CALCIUM ION' 'Ca 2'
EDO non-polymer 1,2-ETHANEDIOL 'C2 H6 O2'
#
# COMPACT_ATOMS: atom_id res chain seq x y z
N PRO A 31 -3.15 -16.34 25.98
CA PRO A 31 -3.19 -15.47 24.82
C PRO A 31 -1.83 -15.29 24.15
N ASP A 32 -1.80 -14.50 23.07
CA ASP A 32 -0.57 -14.22 22.34
C ASP A 32 0.28 -13.21 23.10
N PRO A 33 1.58 -13.51 23.33
CA PRO A 33 2.46 -12.59 24.08
C PRO A 33 2.86 -11.32 23.32
N ASN A 34 2.81 -11.34 21.99
CA ASN A 34 3.12 -10.18 21.15
C ASN A 34 1.86 -9.43 20.63
N GLN A 35 0.69 -9.71 21.22
CA GLN A 35 -0.55 -9.04 20.84
C GLN A 35 -0.46 -7.55 21.15
N GLY A 36 -0.36 -6.73 20.11
CA GLY A 36 -0.30 -5.27 20.25
C GLY A 36 1.11 -4.71 20.23
N LEU A 37 2.08 -5.45 20.77
CA LEU A 37 3.49 -5.06 20.74
C LEU A 37 4.04 -4.96 19.32
N ARG A 38 3.60 -5.85 18.44
CA ARG A 38 3.95 -5.80 17.02
C ARG A 38 3.40 -4.57 16.26
N ALA A 39 2.43 -3.87 16.85
CA ALA A 39 1.95 -2.57 16.37
C ALA A 39 2.48 -1.38 17.18
N GLU A 40 3.63 -1.55 17.86
CA GLU A 40 4.22 -0.47 18.69
C GLU A 40 4.62 0.76 17.85
N TRP A 41 5.09 0.52 16.62
CA TRP A 41 5.40 1.60 15.66
C TRP A 41 4.21 2.51 15.34
N MET A 42 2.99 1.97 15.45
CA MET A 42 1.76 2.73 15.19
C MET A 42 1.47 3.83 16.22
N ARG A 43 2.05 3.72 17.43
CA ARG A 43 1.95 4.80 18.42
C ARG A 43 2.77 6.00 17.95
N GLY A 44 2.07 7.10 17.66
CA GLY A 44 2.66 8.29 17.05
C GLY A 44 2.73 8.28 15.53
N ALA A 45 1.94 7.41 14.89
CA ALA A 45 2.01 7.19 13.44
C ALA A 45 0.92 7.98 12.70
N LEU A 46 1.33 8.74 11.68
CA LEU A 46 0.42 9.45 10.79
C LEU A 46 0.25 8.65 9.50
N GLY A 47 -0.99 8.38 9.11
CA GLY A 47 -1.30 7.55 7.95
C GLY A 47 -2.21 8.21 6.93
N MET A 48 -2.09 7.78 5.67
CA MET A 48 -2.96 8.25 4.58
C MET A 48 -3.68 7.07 3.93
N LEU A 49 -4.59 7.38 3.01
CA LEU A 49 -5.36 6.37 2.26
C LEU A 49 -5.29 6.68 0.76
N TRP A 50 -4.87 5.68 -0.01
CA TRP A 50 -4.86 5.75 -1.48
C TRP A 50 -5.68 4.57 -2.00
N LEU A 51 -6.90 4.87 -2.46
CA LEU A 51 -7.89 3.85 -2.82
C LEU A 51 -8.59 4.20 -4.13
N PRO A 52 -8.15 3.59 -5.26
CA PRO A 52 -8.93 3.65 -6.50
C PRO A 52 -10.21 2.82 -6.42
N GLU A 53 -11.19 3.13 -7.27
CA GLU A 53 -12.46 2.40 -7.31
C GLU A 53 -12.70 1.75 -8.68
N ARG A 54 -13.53 0.72 -8.68
CA ARG A 54 -13.89 -0.06 -9.88
C ARG A 54 -12.65 -0.70 -10.53
N THR A 55 -11.98 -1.52 -9.73
CA THR A 55 -10.71 -2.16 -10.10
C THR A 55 -10.86 -3.37 -11.01
N PHE A 56 -12.05 -3.99 -10.98
CA PHE A 56 -12.40 -5.19 -11.77
C PHE A 56 -12.06 -5.14 -13.27
N ASN A 57 -11.96 -6.33 -13.86
CA ASN A 57 -11.88 -6.52 -15.31
C ASN A 57 -10.69 -5.80 -15.98
N GLY A 58 -9.53 -5.88 -15.32
CA GLY A 58 -8.29 -5.33 -15.85
C GLY A 58 -8.10 -3.82 -15.74
N ASN A 59 -9.01 -3.12 -15.06
CA ASN A 59 -8.91 -1.67 -14.89
C ASN A 59 -7.70 -1.27 -14.04
N ILE A 60 -7.42 -2.07 -13.01
CA ILE A 60 -6.29 -1.83 -12.11
C ILE A 60 -4.91 -2.18 -12.70
N GLU A 61 -4.89 -2.99 -13.77
CA GLU A 61 -3.65 -3.41 -14.40
C GLU A 61 -2.88 -2.22 -14.99
N GLY A 62 -1.64 -2.05 -14.55
CA GLY A 62 -0.80 -0.93 -14.98
C GLY A 62 -0.94 0.35 -14.20
N ILE A 63 -1.88 0.40 -13.25
CA ILE A 63 -2.12 1.59 -12.43
C ILE A 63 -0.99 1.71 -11.40
N ARG A 64 -0.51 2.93 -11.19
CA ARG A 64 0.65 3.18 -10.33
C ARG A 64 0.39 4.29 -9.31
N ILE A 65 1.13 4.24 -8.20
CA ILE A 65 1.00 5.20 -7.10
C ILE A 65 2.07 6.30 -7.15
N ASP A 66 2.93 6.29 -8.18
CA ASP A 66 4.13 7.15 -8.20
C ASP A 66 3.82 8.65 -8.31
N ASP A 67 2.70 9.00 -8.94
CA ASP A 67 2.23 10.39 -8.99
C ASP A 67 1.85 10.88 -7.58
N PHE A 68 1.08 10.07 -6.86
CA PHE A 68 0.68 10.36 -5.48
C PHE A 68 1.88 10.57 -4.56
N LEU A 69 2.89 9.70 -4.65
CA LEU A 69 4.09 9.80 -3.82
C LEU A 69 4.96 11.02 -4.15
N THR A 70 5.06 11.36 -5.44
CA THR A 70 5.75 12.59 -5.87
C THR A 70 5.07 13.85 -5.31
N GLN A 71 3.74 13.83 -5.27
CA GLN A 71 2.95 14.94 -4.71
C GLN A 71 3.22 15.18 -3.22
N ILE A 72 3.36 14.09 -2.46
CA ILE A 72 3.61 14.16 -1.00
C ILE A 72 5.09 14.06 -0.59
N LYS A 73 6.01 14.30 -1.53
CA LYS A 73 7.46 14.23 -1.26
C LYS A 73 7.93 15.16 -0.14
N ASP A 74 7.29 16.33 -0.01
CA ASP A 74 7.64 17.30 1.04
C ASP A 74 6.99 17.02 2.40
N ILE A 75 6.00 16.12 2.45
CA ILE A 75 5.37 15.68 3.70
C ILE A 75 6.26 14.60 4.34
N ARG A 76 7.01 15.01 5.37
CA ARG A 76 8.09 14.21 5.95
C ARG A 76 7.77 13.47 7.25
N THR A 77 6.73 13.92 7.97
CA THR A 77 6.31 13.24 9.20
C THR A 77 5.33 12.08 8.97
N VAL A 78 4.78 11.95 7.76
CA VAL A 78 3.86 10.84 7.43
C VAL A 78 4.60 9.50 7.48
N ASP A 79 3.95 8.49 8.05
CA ASP A 79 4.58 7.21 8.38
C ASP A 79 4.15 6.04 7.49
N TYR A 80 2.88 6.00 7.12
CA TYR A 80 2.36 4.90 6.29
C TYR A 80 1.20 5.31 5.40
N VAL A 81 0.83 4.41 4.48
CA VAL A 81 -0.29 4.60 3.57
C VAL A 81 -1.10 3.31 3.52
N GLN A 82 -2.42 3.42 3.67
CA GLN A 82 -3.30 2.27 3.51
C GLN A 82 -3.56 2.04 2.03
N LEU A 83 -3.30 0.82 1.57
CA LEU A 83 -3.66 0.38 0.22
C LEU A 83 -4.79 -0.64 0.31
N PRO A 84 -5.54 -0.84 -0.78
CA PRO A 84 -6.47 -1.97 -0.83
C PRO A 84 -5.78 -3.27 -1.24
N LEU A 85 -6.28 -4.38 -0.70
CA LEU A 85 -6.17 -5.67 -1.36
C LEU A 85 -7.49 -5.88 -2.08
N THR A 86 -8.60 -5.75 -1.34
CA THR A 86 -9.94 -5.71 -1.92
C THR A 86 -10.53 -4.30 -1.82
N SER A 87 -11.66 -4.09 -2.50
CA SER A 87 -12.44 -2.86 -2.40
C SER A 87 -13.59 -3.04 -1.38
N PRO A 88 -14.27 -1.94 -0.98
CA PRO A 88 -15.34 -2.07 0.04
C PRO A 88 -16.68 -2.63 -0.46
N ASN A 89 -17.53 -2.98 0.51
CA ASN A 89 -18.97 -3.23 0.28
C ASN A 89 -19.25 -4.34 -0.77
N ILE A 90 -19.96 -4.03 -1.86
CA ILE A 90 -20.23 -5.01 -2.93
C ILE A 90 -19.02 -5.26 -3.84
N PHE A 91 -17.96 -4.45 -3.68
CA PHE A 91 -16.71 -4.64 -4.43
C PHE A 91 -15.67 -5.47 -3.67
N SER A 92 -16.08 -6.16 -2.61
CA SER A 92 -15.17 -7.02 -1.84
C SER A 92 -14.55 -8.20 -2.62
N PRO A 93 -15.24 -8.73 -3.65
CA PRO A 93 -14.59 -9.74 -4.48
C PRO A 93 -13.43 -9.22 -5.35
N THR A 94 -13.45 -7.93 -5.69
CA THR A 94 -12.47 -7.34 -6.62
C THR A 94 -11.14 -7.10 -5.92
N HIS A 95 -10.12 -7.88 -6.32
CA HIS A 95 -8.77 -7.75 -5.79
C HIS A 95 -7.89 -6.92 -6.73
N VAL A 96 -6.81 -6.36 -6.17
CA VAL A 96 -5.84 -5.55 -6.93
C VAL A 96 -4.46 -6.24 -7.01
N ALA A 97 -4.43 -7.55 -6.76
CA ALA A 97 -3.23 -8.36 -6.88
C ALA A 97 -3.62 -9.72 -7.48
N PRO A 98 -2.74 -10.33 -8.28
CA PRO A 98 -3.07 -11.56 -8.99
C PRO A 98 -3.10 -12.79 -8.09
N HIS A 99 -3.94 -13.76 -8.44
CA HIS A 99 -4.04 -15.03 -7.73
C HIS A 99 -4.61 -16.11 -8.68
N PRO A 100 -3.89 -17.25 -8.86
CA PRO A 100 -4.36 -18.32 -9.76
C PRO A 100 -5.81 -18.79 -9.53
N ILE A 101 -6.17 -18.99 -8.27
CA ILE A 101 -7.52 -19.46 -7.90
C ILE A 101 -8.60 -18.43 -8.27
N ILE A 102 -8.34 -17.16 -7.95
CA ILE A 102 -9.28 -16.07 -8.29
C ILE A 102 -9.36 -15.89 -9.80
N GLU A 103 -8.21 -15.96 -10.46
CA GLU A 103 -8.14 -15.83 -11.92
C GLU A 103 -8.81 -16.99 -12.66
N SER A 104 -8.83 -18.19 -12.06
CA SER A 104 -9.56 -19.34 -12.61
C SER A 104 -11.09 -19.18 -12.57
N LEU A 105 -11.60 -18.29 -11.72
CA LEU A 105 -13.03 -17.96 -11.66
C LEU A 105 -13.50 -17.12 -12.86
N TRP A 106 -12.57 -16.48 -13.56
CA TRP A 106 -12.86 -15.69 -14.77
C TRP A 106 -13.44 -16.54 -15.90
N GLN A 107 -12.72 -17.60 -16.26
CA GLN A 107 -13.10 -18.50 -17.36
C GLN A 107 -13.19 -17.82 -18.74
N GLY A 108 -12.40 -16.76 -18.93
CA GLY A 108 -12.35 -16.01 -20.19
C GLY A 108 -13.64 -15.35 -20.66
N ASP A 109 -14.54 -15.02 -19.73
CA ASP A 109 -15.84 -14.43 -20.07
C ASP A 109 -15.67 -12.95 -20.46
N THR A 110 -16.41 -12.53 -21.49
CA THR A 110 -16.26 -11.19 -22.07
C THR A 110 -17.59 -10.46 -22.23
N ASP A 111 -17.49 -9.14 -22.45
CA ASP A 111 -18.63 -8.24 -22.56
C ASP A 111 -19.09 -8.18 -24.03
N ALA A 112 -20.03 -7.29 -24.35
CA ALA A 112 -20.39 -6.99 -25.73
C ALA A 112 -19.24 -6.35 -26.53
N ASN A 113 -18.50 -5.45 -25.86
CA ASN A 113 -17.31 -4.84 -26.46
C ASN A 113 -16.11 -5.79 -26.60
N GLY A 114 -16.10 -6.87 -25.80
CA GLY A 114 -14.98 -7.81 -25.76
C GLY A 114 -14.10 -7.64 -24.54
N ASP A 115 -14.46 -6.71 -23.65
CA ASP A 115 -13.72 -6.47 -22.41
C ASP A 115 -14.09 -7.56 -21.39
N PRO A 116 -13.18 -7.89 -20.45
CA PRO A 116 -13.46 -8.98 -19.50
C PRO A 116 -14.70 -8.76 -18.61
N ILE A 117 -15.32 -9.87 -18.22
CA ILE A 117 -16.42 -9.90 -17.23
C ILE A 117 -16.16 -11.12 -16.34
N ASN A 118 -16.47 -10.99 -15.04
CA ASN A 118 -16.10 -11.99 -13.99
C ASN A 118 -14.60 -12.07 -13.67
N LEU A 119 -13.81 -11.09 -14.14
CA LEU A 119 -12.40 -11.00 -13.79
C LEU A 119 -12.29 -10.01 -12.64
N VAL A 120 -12.07 -10.52 -11.43
CA VAL A 120 -12.01 -9.71 -10.21
C VAL A 120 -10.60 -9.67 -9.61
N ALA A 121 -9.59 -9.74 -10.49
CA ALA A 121 -8.20 -9.62 -10.10
C ALA A 121 -7.36 -9.32 -11.35
N PRO A 122 -6.19 -8.68 -11.17
CA PRO A 122 -5.29 -8.49 -12.31
C PRO A 122 -4.66 -9.83 -12.72
N ARG A 123 -4.40 -9.98 -14.02
CA ARG A 123 -3.85 -11.23 -14.55
C ARG A 123 -2.35 -11.35 -14.25
N GLU A 124 -1.91 -12.57 -13.91
CA GLU A 124 -0.49 -12.83 -13.58
C GLU A 124 0.47 -12.47 -14.74
N SER A 125 0.04 -12.76 -15.97
CA SER A 125 0.83 -12.44 -17.16
C SER A 125 0.95 -10.94 -17.43
N VAL A 126 -0.06 -10.16 -17.04
CA VAL A 126 -0.12 -8.72 -17.33
C VAL A 126 0.61 -7.90 -16.27
N ASP A 127 0.10 -7.90 -15.03
CA ASP A 127 0.61 -7.00 -13.99
C ASP A 127 0.25 -7.44 -12.56
N ASP A 128 1.10 -7.04 -11.61
CA ASP A 128 0.81 -7.08 -10.18
C ASP A 128 0.94 -5.64 -9.65
N PRO A 129 -0.15 -4.84 -9.72
CA PRO A 129 -0.08 -3.43 -9.30
C PRO A 129 0.22 -3.23 -7.82
N LEU A 130 -0.37 -4.07 -6.96
CA LEU A 130 -0.13 -3.97 -5.50
C LEU A 130 1.35 -4.09 -5.15
N LEU A 131 2.06 -5.02 -5.80
CA LEU A 131 3.50 -5.16 -5.60
C LEU A 131 4.27 -3.88 -5.95
N SER A 132 3.88 -3.24 -7.05
CA SER A 132 4.49 -1.96 -7.45
C SER A 132 4.26 -0.85 -6.43
N TRP A 133 3.07 -0.80 -5.84
CA TRP A 133 2.73 0.22 -4.84
C TRP A 133 3.46 -0.06 -3.53
N LEU A 134 3.52 -1.33 -3.14
CA LEU A 134 4.22 -1.74 -1.91
C LEU A 134 5.71 -1.41 -1.96
N LYS A 135 6.35 -1.69 -3.09
CA LYS A 135 7.78 -1.38 -3.28
C LYS A 135 8.04 0.13 -3.40
N ALA A 136 7.13 0.84 -4.06
CA ALA A 136 7.22 2.30 -4.19
C ALA A 136 7.03 3.00 -2.83
N LEU A 137 6.10 2.49 -2.02
CA LEU A 137 5.93 2.97 -0.64
C LEU A 137 7.16 2.69 0.22
N ARG A 138 7.69 1.47 0.12
CA ARG A 138 8.93 1.10 0.81
C ARG A 138 10.09 2.00 0.37
N ALA A 139 10.21 2.22 -0.94
CA ALA A 139 11.24 3.13 -1.49
C ALA A 139 11.09 4.57 -1.00
N ALA A 140 9.84 5.01 -0.81
CA ALA A 140 9.54 6.33 -0.26
C ALA A 140 9.75 6.47 1.27
N GLY A 141 10.10 5.38 1.95
CA GLY A 141 10.39 5.39 3.38
C GLY A 141 9.16 5.20 4.25
N LEU A 142 8.15 4.52 3.72
CA LEU A 142 6.84 4.39 4.38
C LEU A 142 6.49 2.93 4.66
N ARG A 143 5.81 2.69 5.78
CA ARG A 143 5.15 1.41 6.06
C ARG A 143 3.82 1.37 5.31
N THR A 144 3.14 0.22 5.35
CA THR A 144 1.86 0.06 4.64
C THR A 144 0.80 -0.64 5.50
N GLU A 145 -0.44 -0.18 5.35
CA GLU A 145 -1.62 -0.85 5.88
C GLU A 145 -2.38 -1.42 4.68
N ILE A 146 -3.02 -2.57 4.87
CA ILE A 146 -3.77 -3.23 3.79
C ILE A 146 -5.24 -3.38 4.17
N TYR A 147 -6.11 -2.82 3.33
CA TYR A 147 -7.55 -2.94 3.50
C TYR A 147 -8.03 -4.25 2.88
N VAL A 148 -8.76 -5.03 3.68
CA VAL A 148 -9.51 -6.19 3.19
C VAL A 148 -10.92 -6.10 3.76
N ASN A 149 -11.93 -6.16 2.91
CA ASN A 149 -13.31 -6.30 3.37
C ASN A 149 -13.55 -7.76 3.69
N SER A 150 -14.05 -8.05 4.89
CA SER A 150 -14.16 -9.42 5.41
C SER A 150 -15.04 -10.36 4.59
N TYR A 151 -16.04 -9.83 3.88
CA TYR A 151 -16.87 -10.62 2.97
C TYR A 151 -16.08 -11.22 1.80
N ASN A 152 -14.97 -10.59 1.43
CA ASN A 152 -14.03 -11.10 0.41
C ASN A 152 -14.73 -11.57 -0.88
N LEU A 153 -14.48 -12.80 -1.35
CA LEU A 153 -15.12 -13.31 -2.57
C LEU A 153 -16.62 -13.63 -2.44
N LEU A 154 -17.16 -13.69 -1.21
CA LEU A 154 -18.62 -13.87 -1.02
C LEU A 154 -19.39 -12.61 -1.40
N ALA A 155 -20.68 -12.79 -1.69
CA ALA A 155 -21.57 -11.67 -2.03
C ALA A 155 -22.15 -11.08 -0.74
N ARG A 156 -22.03 -9.75 -0.60
CA ARG A 156 -22.54 -9.04 0.57
C ARG A 156 -24.07 -8.98 0.56
N ILE A 157 -24.63 -8.70 -0.62
CA ILE A 157 -26.09 -8.82 -0.85
C ILE A 157 -26.30 -9.89 -1.94
N PRO A 158 -26.57 -11.15 -1.53
CA PRO A 158 -26.82 -12.24 -2.49
C PRO A 158 -28.05 -12.05 -3.39
N GLU A 159 -29.08 -11.35 -2.90
CA GLU A 159 -30.30 -11.07 -3.67
C GLU A 159 -30.03 -10.29 -4.96
N ASP A 160 -29.09 -9.34 -4.92
CA ASP A 160 -28.74 -8.51 -6.06
C ASP A 160 -27.73 -9.22 -6.98
N THR A 161 -27.47 -8.61 -8.13
CA THR A 161 -26.53 -9.12 -9.13
C THR A 161 -25.63 -7.99 -9.61
N GLN A 162 -24.31 -8.23 -9.60
CA GLN A 162 -23.32 -7.26 -10.06
C GLN A 162 -22.97 -7.57 -11.52
N ALA A 163 -23.30 -6.66 -12.43
CA ALA A 163 -23.16 -6.89 -13.88
C ALA A 163 -21.71 -7.11 -14.33
N ASP A 164 -20.77 -6.49 -13.65
CA ASP A 164 -19.34 -6.59 -14.01
C ASP A 164 -18.68 -7.89 -13.54
N TYR A 165 -19.27 -8.55 -12.53
CA TYR A 165 -18.76 -9.83 -12.01
C TYR A 165 -19.89 -10.68 -11.37
N PRO A 166 -20.90 -11.08 -12.18
CA PRO A 166 -22.11 -11.72 -11.63
C PRO A 166 -21.94 -13.13 -11.09
N ASP A 167 -21.05 -13.92 -11.69
CA ASP A 167 -20.90 -15.35 -11.37
C ASP A 167 -19.75 -15.67 -10.42
N VAL A 168 -19.03 -14.65 -9.95
CA VAL A 168 -17.78 -14.85 -9.19
C VAL A 168 -18.03 -15.47 -7.81
N SER A 169 -19.02 -14.92 -7.09
CA SER A 169 -19.36 -15.41 -5.75
C SER A 169 -19.79 -16.88 -5.77
N ALA A 170 -20.58 -17.25 -6.78
CA ALA A 170 -21.02 -18.64 -6.98
C ALA A 170 -19.86 -19.57 -7.37
N ARG A 171 -19.00 -19.11 -8.28
CA ARG A 171 -17.84 -19.89 -8.73
C ARG A 171 -16.79 -20.11 -7.63
N TRP A 172 -16.62 -19.12 -6.76
CA TRP A 172 -15.73 -19.24 -5.59
C TRP A 172 -16.23 -20.32 -4.63
N MET A 173 -17.53 -20.31 -4.34
CA MET A 173 -18.15 -21.32 -3.48
C MET A 173 -18.17 -22.69 -4.16
N GLU A 174 -18.45 -22.71 -5.46
CA GLU A 174 -18.35 -23.92 -6.30
C GLU A 174 -16.95 -24.55 -6.21
N TRP A 175 -15.92 -23.72 -6.30
CA TRP A 175 -14.53 -24.18 -6.17
C TRP A 175 -14.26 -24.78 -4.79
N CYS A 176 -14.73 -24.13 -3.73
CA CYS A 176 -14.48 -24.57 -2.36
C CYS A 176 -15.07 -25.95 -2.04
N ASP A 177 -16.31 -26.20 -2.47
CA ASP A 177 -16.96 -27.49 -2.23
C ASP A 177 -16.65 -28.58 -3.28
N THR A 178 -16.00 -28.24 -4.39
CA THR A 178 -15.53 -29.25 -5.35
C THR A 178 -14.05 -29.00 -5.70
N ASN A 179 -13.18 -29.33 -4.74
CA ASN A 179 -11.73 -29.26 -4.91
C ASN A 179 -11.08 -30.11 -3.82
N THR A 180 -10.23 -31.06 -4.22
CA THR A 180 -9.67 -32.04 -3.30
C THR A 180 -8.94 -31.40 -2.12
N GLU A 181 -8.06 -30.44 -2.41
CA GLU A 181 -7.30 -29.73 -1.38
C GLU A 181 -8.18 -28.86 -0.48
N ALA A 182 -9.21 -28.24 -1.07
CA ALA A 182 -10.14 -27.38 -0.31
C ALA A 182 -11.03 -28.19 0.61
N GLN A 183 -11.63 -29.26 0.08
CA GLN A 183 -12.46 -30.17 0.87
C GLN A 183 -11.68 -30.85 1.98
N ALA A 184 -10.44 -31.23 1.70
CA ALA A 184 -9.53 -31.78 2.71
C ALA A 184 -9.24 -30.79 3.83
N PHE A 185 -9.07 -29.51 3.48
CA PHE A 185 -8.87 -28.45 4.47
C PHE A 185 -10.11 -28.22 5.34
N ILE A 186 -11.29 -28.16 4.71
CA ILE A 186 -12.56 -27.92 5.42
C ILE A 186 -12.85 -29.02 6.47
N ASN A 187 -12.53 -30.27 6.12
CA ASN A 187 -12.74 -31.41 7.03
C ASN A 187 -11.66 -31.58 8.10
N SER A 188 -10.51 -30.90 7.95
CA SER A 188 -9.38 -31.03 8.88
C SER A 188 -9.63 -30.44 10.27
N GLN A 189 -10.59 -29.53 10.40
CA GLN A 189 -11.01 -29.00 11.69
C GLN A 189 -12.53 -29.01 11.81
N THR A 190 -13.02 -29.33 13.01
CA THR A 190 -14.45 -29.36 13.28
C THR A 190 -15.07 -27.95 13.31
N TYR A 191 -14.29 -26.97 13.74
CA TYR A 191 -14.74 -25.58 13.82
C TYR A 191 -14.90 -24.83 12.48
N HIS A 192 -14.55 -25.46 11.35
CA HIS A 192 -14.76 -24.86 10.02
C HIS A 192 -16.24 -24.82 9.62
N GLU A 193 -16.95 -25.93 9.82
CA GLU A 193 -18.38 -26.00 9.52
C GLU A 193 -19.21 -25.24 10.57
N GLY A 194 -20.28 -24.60 10.13
CA GLY A 194 -21.15 -23.84 11.02
C GLY A 194 -22.22 -23.01 10.32
N ASN A 195 -22.59 -21.88 10.92
CA ASN A 195 -23.66 -21.02 10.41
C ASN A 195 -23.25 -20.29 9.14
N GLY A 196 -24.20 -20.13 8.21
CA GLY A 196 -24.01 -19.34 7.00
C GLY A 196 -22.88 -19.87 6.13
N ARG A 197 -22.06 -18.95 5.61
CA ARG A 197 -20.94 -19.28 4.73
C ARG A 197 -19.62 -19.33 5.53
N ARG A 198 -19.63 -20.08 6.62
CA ARG A 198 -18.49 -20.14 7.55
C ARG A 198 -17.28 -20.83 6.93
N LYS A 199 -17.50 -22.03 6.38
CA LYS A 199 -16.42 -22.82 5.75
C LYS A 199 -15.74 -22.09 4.57
N TYR A 200 -16.50 -21.26 3.87
CA TYR A 200 -15.96 -20.47 2.75
C TYR A 200 -15.05 -19.34 3.23
N MET A 201 -15.36 -18.76 4.39
CA MET A 201 -14.49 -17.75 5.03
C MET A 201 -13.13 -18.34 5.37
N PHE A 202 -13.13 -19.53 5.98
CA PHE A 202 -11.89 -20.26 6.28
C PHE A 202 -11.07 -20.59 5.03
N CYS A 203 -11.75 -20.92 3.93
CA CYS A 203 -11.10 -21.19 2.65
C CYS A 203 -10.39 -19.96 2.07
N TYR A 204 -11.00 -18.78 2.20
CA TYR A 204 -10.36 -17.54 1.77
C TYR A 204 -9.09 -17.27 2.58
N ALA A 205 -9.19 -17.41 3.90
CA ALA A 205 -8.05 -17.23 4.81
C ALA A 205 -6.88 -18.16 4.46
N GLU A 206 -7.19 -19.44 4.24
CA GLU A 206 -6.18 -20.46 3.99
C GLU A 206 -5.54 -20.36 2.60
N PHE A 207 -6.38 -20.26 1.56
CA PHE A 207 -5.90 -20.34 0.18
C PHE A 207 -5.59 -18.99 -0.47
N ILE A 208 -6.39 -17.97 -0.18
CA ILE A 208 -6.26 -16.65 -0.82
C ILE A 208 -5.41 -15.69 0.01
N LEU A 209 -5.85 -15.42 1.24
CA LEU A 209 -5.22 -14.42 2.12
C LEU A 209 -3.80 -14.81 2.52
N LYS A 210 -3.60 -16.07 2.88
CA LYS A 210 -2.28 -16.60 3.25
C LYS A 210 -1.27 -16.48 2.12
N GLU A 211 -1.70 -16.81 0.90
CA GLU A 211 -0.85 -16.71 -0.29
C GLU A 211 -0.40 -15.27 -0.53
N TYR A 212 -1.35 -14.34 -0.48
CA TYR A 212 -1.05 -12.91 -0.58
C TYR A 212 -0.08 -12.46 0.51
N ALA A 213 -0.33 -12.87 1.75
CA ALA A 213 0.51 -12.51 2.88
C ALA A 213 1.96 -13.01 2.72
N GLN A 214 2.11 -14.27 2.33
CA GLN A 214 3.43 -14.90 2.16
C GLN A 214 4.19 -14.40 0.94
N ARG A 215 3.48 -13.97 -0.11
CA ARG A 215 4.11 -13.43 -1.31
C ARG A 215 4.85 -12.11 -1.02
N TYR A 216 4.18 -11.21 -0.30
CA TYR A 216 4.68 -9.85 -0.07
C TYR A 216 5.53 -9.69 1.19
N GLY A 217 5.30 -10.54 2.20
CA GLY A 217 6.17 -10.61 3.37
C GLY A 217 6.19 -9.35 4.23
N ASP A 218 7.38 -8.84 4.53
CA ASP A 218 7.54 -7.63 5.36
C ASP A 218 7.15 -6.30 4.68
N LEU A 219 6.84 -6.34 3.38
CA LEU A 219 6.30 -5.17 2.68
C LEU A 219 4.94 -4.72 3.23
N ILE A 220 4.17 -5.65 3.81
CA ILE A 220 2.92 -5.34 4.50
C ILE A 220 3.16 -5.30 6.01
N ASP A 221 2.93 -4.14 6.63
CA ASP A 221 3.10 -3.94 8.07
C ASP A 221 1.80 -4.08 8.86
N ALA A 222 0.65 -3.95 8.20
CA ALA A 222 -0.64 -3.99 8.90
C ALA A 222 -1.81 -4.39 8.00
N TRP A 223 -2.82 -4.98 8.62
CA TRP A 223 -4.05 -5.41 7.96
C TRP A 223 -5.26 -4.89 8.74
N CYS A 224 -6.13 -4.14 8.07
CA CYS A 224 -7.40 -3.71 8.67
C CYS A 224 -8.55 -4.42 7.95
N PHE A 225 -9.35 -5.18 8.72
CA PHE A 225 -10.41 -6.02 8.17
C PHE A 225 -11.80 -5.42 8.39
N ASP A 226 -12.33 -4.79 7.35
CA ASP A 226 -13.62 -4.10 7.40
C ASP A 226 -14.78 -5.10 7.36
N SER A 227 -15.90 -4.70 7.95
CA SER A 227 -17.14 -5.51 7.96
C SER A 227 -16.96 -6.89 8.63
N ALA A 228 -16.15 -6.94 9.68
CA ALA A 228 -15.80 -8.21 10.33
C ALA A 228 -16.98 -8.78 11.10
N ASP A 229 -17.53 -8.01 12.04
CA ASP A 229 -18.70 -8.47 12.82
C ASP A 229 -19.95 -8.74 11.97
N ASN A 230 -20.07 -8.06 10.82
CA ASN A 230 -21.17 -8.27 9.89
C ASN A 230 -21.17 -9.72 9.36
N VAL A 231 -20.02 -10.17 8.88
CA VAL A 231 -19.88 -11.53 8.33
C VAL A 231 -19.47 -12.56 9.39
N MET A 232 -18.48 -12.24 10.22
CA MET A 232 -17.89 -13.22 11.15
C MET A 232 -18.80 -13.49 12.35
N GLU A 233 -19.33 -12.44 12.96
CA GLU A 233 -20.18 -12.57 14.16
C GLU A 233 -21.61 -12.95 13.83
N ASP A 234 -22.28 -12.11 13.04
CA ASP A 234 -23.72 -12.24 12.81
C ASP A 234 -24.08 -13.44 11.93
N GLU A 235 -23.45 -13.53 10.76
CA GLU A 235 -23.73 -14.62 9.82
C GLU A 235 -23.09 -15.93 10.26
N CYS A 236 -21.78 -15.90 10.48
CA CYS A 236 -20.98 -17.11 10.69
C CYS A 236 -20.86 -17.59 12.15
N GLY A 237 -21.30 -16.77 13.11
CA GLY A 237 -21.51 -17.22 14.49
C GLY A 237 -20.35 -17.18 15.46
N ASP A 238 -19.31 -16.41 15.15
CA ASP A 238 -18.25 -16.12 16.13
C ASP A 238 -18.74 -15.06 17.13
N ASP A 239 -17.97 -14.84 18.18
CA ASP A 239 -18.28 -13.82 19.19
C ASP A 239 -17.00 -13.04 19.54
N PRO A 240 -16.88 -11.79 19.03
CA PRO A 240 -15.69 -10.98 19.30
C PRO A 240 -15.62 -10.36 20.71
N ALA A 241 -16.76 -10.30 21.41
CA ALA A 241 -16.77 -9.84 22.81
C ALA A 241 -16.17 -10.88 23.78
N SER A 242 -16.20 -12.15 23.39
CA SER A 242 -15.64 -13.25 24.18
C SER A 242 -14.11 -13.18 24.24
N GLU A 243 -13.55 -13.93 25.19
CA GLU A 243 -12.10 -14.14 25.28
C GLU A 243 -11.75 -15.64 25.27
N ASP A 244 -12.63 -16.44 24.68
CA ASP A 244 -12.38 -17.85 24.39
C ASP A 244 -12.04 -17.95 22.91
N VAL A 245 -10.92 -18.61 22.61
CA VAL A 245 -10.48 -18.81 21.22
C VAL A 245 -11.44 -19.66 20.38
N ASN A 246 -12.18 -20.55 21.03
CA ASN A 246 -13.22 -21.37 20.36
C ASN A 246 -14.39 -20.54 19.80
N ASP A 247 -14.60 -19.35 20.36
CA ASP A 247 -15.61 -18.40 19.85
C ASP A 247 -15.08 -17.43 18.78
N GLN A 248 -13.79 -17.52 18.44
CA GLN A 248 -13.14 -16.55 17.53
C GLN A 248 -12.21 -17.24 16.53
N ARG A 249 -12.64 -18.37 15.97
CA ARG A 249 -11.82 -19.15 15.04
C ARG A 249 -11.70 -18.53 13.65
N ILE A 250 -12.71 -17.78 13.21
CA ILE A 250 -12.64 -17.06 11.92
C ILE A 250 -11.67 -15.89 12.03
N TYR A 251 -11.68 -15.23 13.19
CA TYR A 251 -10.71 -14.17 13.51
C TYR A 251 -9.28 -14.71 13.59
N GLN A 252 -9.15 -15.91 14.17
CA GLN A 252 -7.88 -16.62 14.25
C GLN A 252 -7.32 -16.96 12.87
N ALA A 253 -8.14 -17.57 12.03
CA ALA A 253 -7.75 -18.00 10.69
C ALA A 253 -7.21 -16.85 9.84
N PHE A 254 -7.92 -15.71 9.88
CA PHE A 254 -7.52 -14.50 9.17
C PHE A 254 -6.23 -13.90 9.73
N ALA A 255 -6.10 -13.91 11.06
CA ALA A 255 -4.92 -13.39 11.74
C ALA A 255 -3.68 -14.25 11.49
N ASP A 256 -3.83 -15.57 11.63
CA ASP A 256 -2.73 -16.52 11.41
C ASP A 256 -2.26 -16.54 9.94
N ALA A 257 -3.21 -16.38 9.01
CA ALA A 257 -2.90 -16.28 7.58
C ALA A 257 -2.01 -15.07 7.25
N CYS A 258 -2.29 -13.94 7.90
CA CYS A 258 -1.44 -12.75 7.80
C CYS A 258 -0.07 -12.99 8.45
N HIS A 259 -0.08 -13.57 9.65
CA HIS A 259 1.16 -13.83 10.41
C HIS A 259 2.06 -14.91 9.79
N ALA A 260 1.47 -15.78 8.98
CA ALA A 260 2.24 -16.75 8.19
C ALA A 260 3.16 -16.07 7.17
N GLY A 261 2.73 -14.92 6.65
CA GLY A 261 3.53 -14.11 5.75
C GLY A 261 4.46 -13.13 6.43
N ASN A 262 3.96 -12.45 7.46
CA ASN A 262 4.75 -11.54 8.28
C ASN A 262 4.28 -11.64 9.73
N PRO A 263 5.07 -12.32 10.60
CA PRO A 263 4.63 -12.49 12.01
C PRO A 263 4.56 -11.19 12.84
N ASN A 264 5.15 -10.10 12.35
CA ASN A 264 5.05 -8.77 12.97
C ASN A 264 3.90 -7.92 12.40
N ALA A 265 3.07 -8.47 11.52
CA ALA A 265 1.99 -7.71 10.87
C ALA A 265 0.84 -7.44 11.84
N ALA A 266 0.59 -6.17 12.12
CA ALA A 266 -0.47 -5.74 13.03
C ALA A 266 -1.85 -5.96 12.40
N ILE A 267 -2.74 -6.65 13.11
CA ILE A 267 -4.09 -6.94 12.64
C ILE A 267 -5.12 -6.07 13.38
N ALA A 268 -6.17 -5.67 12.65
CA ALA A 268 -7.31 -4.95 13.23
C ALA A 268 -8.60 -5.38 12.55
N PHE A 269 -9.65 -5.59 13.35
CA PHE A 269 -10.96 -6.01 12.84
C PHE A 269 -12.01 -4.96 13.15
N ASN A 270 -12.78 -4.57 12.14
CA ASN A 270 -13.92 -3.68 12.34
C ASN A 270 -15.08 -4.48 12.93
N ASN A 271 -15.23 -4.38 14.25
CA ASN A 271 -16.38 -4.94 14.95
C ASN A 271 -17.31 -3.82 15.41
N SER A 272 -17.64 -2.93 14.46
CA SER A 272 -18.45 -1.72 14.69
C SER A 272 -17.82 -0.72 15.67
N VAL A 273 -18.45 0.43 15.79
CA VAL A 273 -18.00 1.48 16.71
C VAL A 273 -18.33 1.13 18.17
N GLY A 274 -17.51 1.63 19.10
CA GLY A 274 -17.70 1.40 20.53
C GLY A 274 -18.70 2.36 21.15
N ASP A 275 -18.41 2.82 22.36
CA ASP A 275 -19.33 3.65 23.15
C ASP A 275 -18.87 5.12 23.16
N ARG A 276 -19.73 6.01 22.64
CA ARG A 276 -19.41 7.45 22.55
C ARG A 276 -19.23 8.16 23.91
N GLU A 277 -19.86 7.63 24.96
CA GLU A 277 -19.77 8.19 26.31
C GLU A 277 -18.47 7.76 26.99
N GLY A 278 -18.17 6.45 26.95
CA GLY A 278 -17.00 5.88 27.62
C GLY A 278 -15.87 5.54 26.65
N ASN A 279 -15.53 4.26 26.55
CA ASN A 279 -14.46 3.81 25.65
C ASN A 279 -15.01 3.78 24.22
N PRO A 280 -14.42 4.58 23.30
CA PRO A 280 -14.94 4.70 21.94
C PRO A 280 -14.67 3.51 21.01
N PHE A 281 -13.72 2.65 21.36
CA PHE A 281 -13.36 1.49 20.54
C PHE A 281 -14.07 0.25 21.05
N THR A 282 -14.61 -0.56 20.14
CA THR A 282 -15.17 -1.86 20.50
C THR A 282 -14.04 -2.75 21.01
N SER A 283 -14.32 -3.50 22.08
CA SER A 283 -13.29 -4.29 22.77
C SER A 283 -12.51 -5.19 21.83
N ALA A 284 -11.20 -5.33 22.10
CA ALA A 284 -10.32 -6.13 21.25
C ALA A 284 -10.67 -7.61 21.32
N THR A 285 -10.59 -8.28 20.17
CA THR A 285 -10.62 -9.74 20.12
C THR A 285 -9.24 -10.24 20.53
N LEU A 286 -9.11 -11.57 20.63
CA LEU A 286 -7.82 -12.19 20.91
C LEU A 286 -6.77 -11.98 19.80
N PHE A 287 -7.20 -11.50 18.63
CA PHE A 287 -6.33 -11.27 17.48
C PHE A 287 -6.31 -9.83 16.94
N ASP A 288 -6.68 -8.86 17.79
CA ASP A 288 -6.56 -7.44 17.47
C ASP A 288 -5.25 -6.90 18.06
N ASP A 289 -4.36 -6.42 17.18
CA ASP A 289 -3.16 -5.69 17.61
C ASP A 289 -3.44 -4.20 17.78
N TYR A 290 -4.34 -3.67 16.95
CA TYR A 290 -4.82 -2.30 17.11
C TYR A 290 -6.32 -2.20 16.84
N THR A 291 -6.91 -1.10 17.28
CA THR A 291 -8.34 -0.84 17.09
C THR A 291 -8.58 -0.33 15.68
N PHE A 292 -9.60 -0.88 15.01
CA PHE A 292 -9.98 -0.43 13.66
C PHE A 292 -10.32 1.06 13.69
N GLY A 293 -11.15 1.45 14.66
CA GLY A 293 -11.40 2.86 14.95
C GLY A 293 -12.23 3.58 13.92
N HIS A 294 -13.40 3.03 13.61
CA HIS A 294 -14.38 3.69 12.75
C HIS A 294 -15.04 4.81 13.56
N PRO A 295 -15.14 6.04 13.00
CA PRO A 295 -15.74 7.14 13.75
C PRO A 295 -17.26 7.00 13.93
N PHE A 296 -17.81 7.78 14.84
CA PHE A 296 -19.24 7.78 15.12
C PHE A 296 -19.97 8.53 13.99
N GLY A 297 -21.14 8.01 13.60
CA GLY A 297 -21.88 8.53 12.46
C GLY A 297 -21.19 8.15 11.16
N GLY A 298 -21.29 6.86 10.81
CA GLY A 298 -20.54 6.26 9.69
C GLY A 298 -20.67 6.99 8.37
N ALA A 299 -21.84 6.85 7.75
CA ALA A 299 -22.16 7.61 6.53
C ALA A 299 -22.38 9.07 6.89
N GLY A 300 -22.23 9.95 5.89
CA GLY A 300 -22.39 11.39 6.09
C GLY A 300 -21.21 12.01 6.82
N ASN A 301 -21.26 13.33 6.95
CA ASN A 301 -20.17 14.11 7.57
C ASN A 301 -20.04 13.74 9.05
N MET A 302 -18.84 13.31 9.44
CA MET A 302 -18.57 12.80 10.78
C MET A 302 -18.47 13.86 11.91
N VAL A 303 -18.46 15.14 11.55
CA VAL A 303 -18.30 16.21 12.55
C VAL A 303 -19.41 17.29 12.48
N VAL A 304 -20.63 16.89 12.11
CA VAL A 304 -21.79 17.78 12.09
C VAL A 304 -23.05 16.98 12.50
N PRO A 305 -23.87 17.48 13.45
CA PRO A 305 -23.71 18.76 14.16
C PRO A 305 -22.61 18.74 15.23
N GLU A 306 -22.53 19.81 16.03
CA GLU A 306 -21.51 19.97 17.08
C GLU A 306 -21.36 18.79 18.06
N ALA A 307 -22.45 18.08 18.33
CA ALA A 307 -22.40 16.90 19.20
C ALA A 307 -21.59 15.75 18.58
N LEU A 308 -21.76 15.54 17.28
CA LEU A 308 -20.94 14.54 16.54
C LEU A 308 -19.46 14.94 16.45
N TYR A 309 -19.20 16.24 16.30
CA TYR A 309 -17.83 16.79 16.38
C TYR A 309 -17.19 16.41 17.72
N THR A 310 -17.94 16.61 18.81
CA THR A 310 -17.45 16.36 20.16
C THR A 310 -17.20 14.88 20.44
N TYR A 311 -18.13 14.01 20.03
CA TYR A 311 -17.99 12.56 20.23
C TYR A 311 -16.74 12.01 19.55
N ASN A 312 -16.51 12.40 18.30
CA ASN A 312 -15.32 11.97 17.56
C ASN A 312 -14.03 12.64 18.03
N HIS A 313 -14.13 13.87 18.54
CA HIS A 313 -12.98 14.53 19.16
C HIS A 313 -12.64 13.93 20.53
N ASP A 314 -13.67 13.48 21.27
CA ASP A 314 -13.44 12.73 22.52
C ASP A 314 -12.67 11.42 22.30
N LEU A 315 -12.88 10.79 21.14
CA LEU A 315 -12.10 9.61 20.72
C LEU A 315 -10.63 9.99 20.52
N VAL A 316 -10.39 11.13 19.89
CA VAL A 316 -9.04 11.67 19.71
C VAL A 316 -8.39 12.02 21.06
N VAL A 317 -9.15 12.59 21.98
CA VAL A 317 -8.68 12.90 23.34
C VAL A 317 -8.44 11.63 24.16
N PHE A 318 -9.27 10.60 23.95
CA PHE A 318 -9.10 9.29 24.61
C PHE A 318 -7.74 8.65 24.29
N MET A 319 -7.30 8.79 23.04
CA MET A 319 -5.98 8.31 22.62
C MET A 319 -4.84 9.06 23.32
N GLN A 320 -5.01 10.37 23.50
CA GLN A 320 -4.03 11.21 24.22
C GLN A 320 -3.93 10.81 25.69
N THR A 321 -5.09 10.77 26.35
CA THR A 321 -5.18 10.46 27.78
C THR A 321 -4.57 9.11 28.16
N ASN A 322 -4.77 8.10 27.31
CA ASN A 322 -4.28 6.73 27.57
C ASN A 322 -2.98 6.38 26.83
N ASN A 323 -2.23 7.40 26.38
CA ASN A 323 -0.90 7.20 25.75
C ASN A 323 -0.90 6.27 24.52
N GLY A 324 -2.01 6.24 23.79
CA GLY A 324 -2.16 5.37 22.62
C GLY A 324 -2.44 3.91 22.89
N TYR A 325 -2.83 3.57 24.12
CA TYR A 325 -3.27 2.21 24.47
C TYR A 325 -4.77 2.22 24.71
N ALA A 326 -5.49 1.39 23.98
CA ALA A 326 -6.96 1.45 23.93
C ALA A 326 -7.65 0.85 25.16
N PHE A 327 -7.14 -0.28 25.64
CA PHE A 327 -7.86 -1.10 26.63
C PHE A 327 -7.03 -1.35 27.90
N ARG A 328 -6.51 -0.27 28.47
CA ARG A 328 -5.81 -0.31 29.76
C ARG A 328 -6.83 -0.30 30.92
N ASP A 329 -8.03 0.24 30.65
CA ASP A 329 -9.08 0.43 31.65
C ASP A 329 -9.80 -0.84 32.14
N ASP A 330 -10.02 -1.81 31.25
CA ASP A 330 -10.90 -2.96 31.54
C ASP A 330 -10.29 -3.99 32.50
N THR A 331 -11.02 -5.09 32.75
CA THR A 331 -10.56 -6.18 33.63
C THR A 331 -9.83 -7.31 32.87
N ARG A 332 -9.10 -6.95 31.80
CA ARG A 332 -8.34 -7.91 30.99
C ARG A 332 -6.92 -7.40 30.77
N THR A 333 -5.93 -8.07 31.32
CA THR A 333 -4.52 -7.67 31.16
C THR A 333 -3.93 -8.08 29.81
N TRP A 334 -4.49 -9.12 29.18
CA TRP A 334 -4.00 -9.60 27.89
C TRP A 334 -4.15 -8.61 26.71
N ASN A 335 -5.09 -7.67 26.82
CA ASN A 335 -5.28 -6.63 25.79
C ASN A 335 -4.65 -5.26 26.11
N ASP A 336 -3.76 -5.21 27.11
CA ASP A 336 -3.14 -3.94 27.55
C ASP A 336 -2.14 -3.34 26.56
N ASN A 337 -1.53 -4.17 25.73
CA ASN A 337 -0.61 -3.70 24.69
C ASN A 337 -1.28 -3.31 23.35
N VAL A 338 -2.60 -3.50 23.26
CA VAL A 338 -3.34 -3.18 22.03
C VAL A 338 -3.34 -1.66 21.82
N VAL A 339 -2.90 -1.24 20.63
CA VAL A 339 -2.69 0.17 20.31
C VAL A 339 -3.98 0.83 19.85
N ALA A 340 -4.32 1.98 20.46
CA ALA A 340 -5.46 2.78 20.05
C ALA A 340 -5.17 3.43 18.69
N HIS A 341 -6.11 3.27 17.76
CA HIS A 341 -5.95 3.77 16.40
C HIS A 341 -7.31 4.25 15.89
N PHE A 342 -7.28 5.29 15.06
CA PHE A 342 -8.48 5.97 14.57
C PHE A 342 -8.43 6.01 13.05
N PHE A 343 -9.58 5.78 12.41
CA PHE A 343 -9.70 5.75 10.95
C PHE A 343 -10.78 6.72 10.47
N PRO A 344 -10.56 8.05 10.66
CA PRO A 344 -11.51 9.07 10.22
C PRO A 344 -11.38 9.39 8.74
N LYS A 345 -12.22 10.31 8.27
CA LYS A 345 -12.20 10.79 6.89
C LYS A 345 -11.97 12.30 6.87
N GLN A 346 -11.10 12.74 5.97
CA GLN A 346 -10.71 14.14 5.86
C GLN A 346 -11.78 14.97 5.14
N SER A 347 -12.43 14.38 4.14
CA SER A 347 -13.55 15.03 3.44
C SER A 347 -14.86 14.88 4.21
N THR A 348 -15.90 15.53 3.70
CA THR A 348 -17.25 15.45 4.28
C THR A 348 -18.02 14.20 3.86
N THR A 349 -17.70 13.63 2.68
CA THR A 349 -18.44 12.49 2.12
C THR A 349 -17.76 11.15 2.39
N SER A 350 -16.82 10.76 1.53
CA SER A 350 -16.20 9.42 1.59
C SER A 350 -14.78 9.48 2.14
N TRP A 351 -14.22 8.30 2.41
CA TRP A 351 -12.86 8.18 2.95
C TRP A 351 -11.78 8.39 1.87
N ASN A 352 -12.06 7.97 0.64
CA ASN A 352 -11.09 8.03 -0.45
C ASN A 352 -11.28 9.20 -1.44
N ALA A 353 -12.31 10.01 -1.23
CA ALA A 353 -12.62 11.13 -2.12
C ALA A 353 -13.54 12.16 -1.45
N GLY A 354 -13.77 13.27 -2.13
CA GLY A 354 -14.64 14.36 -1.64
C GLY A 354 -14.06 15.72 -1.95
N ASN A 355 -14.93 16.65 -2.36
CA ASN A 355 -14.52 17.99 -2.76
C ASN A 355 -14.53 19.02 -1.61
N THR A 356 -14.96 18.62 -0.41
CA THR A 356 -15.04 19.51 0.74
C THR A 356 -14.39 18.89 1.99
N PRO A 357 -13.43 19.61 2.62
CA PRO A 357 -12.90 19.11 3.89
C PRO A 357 -13.92 19.24 5.01
N CYS A 358 -14.00 18.24 5.90
CA CYS A 358 -14.91 18.28 7.04
C CYS A 358 -14.39 19.18 8.16
N LEU A 359 -13.07 19.23 8.33
CA LEU A 359 -12.43 20.09 9.34
C LEU A 359 -11.72 21.28 8.68
N THR A 360 -11.53 22.34 9.46
CA THR A 360 -10.74 23.49 9.02
C THR A 360 -9.25 23.15 9.09
N ASP A 361 -8.41 24.02 8.53
CA ASP A 361 -6.96 23.85 8.57
C ASP A 361 -6.40 23.81 9.99
N GLU A 362 -6.91 24.67 10.87
CA GLU A 362 -6.51 24.69 12.28
C GLU A 362 -6.97 23.43 13.03
N GLN A 363 -8.22 23.03 12.80
CA GLN A 363 -8.80 21.83 13.43
C GLN A 363 -8.10 20.54 13.00
N PHE A 364 -7.82 20.39 11.70
CA PHE A 364 -7.16 19.18 11.19
C PHE A 364 -5.80 18.93 11.85
N VAL A 365 -5.04 20.00 12.09
CA VAL A 365 -3.73 19.90 12.74
C VAL A 365 -3.89 19.53 14.22
N GLU A 366 -4.91 20.08 14.87
CA GLU A 366 -5.20 19.80 16.29
C GLU A 366 -5.65 18.35 16.49
N TRP A 367 -6.64 17.92 15.70
CA TRP A 367 -7.16 16.54 15.73
C TRP A 367 -6.05 15.51 15.54
N THR A 368 -5.18 15.76 14.56
CA THR A 368 -4.07 14.86 14.26
C THR A 368 -3.06 14.82 15.42
N SER A 369 -2.59 16.00 15.83
CA SER A 369 -1.57 16.12 16.88
C SER A 369 -2.05 15.63 18.25
N THR A 370 -3.28 15.97 18.60
CA THR A 370 -3.89 15.48 19.84
C THR A 370 -3.97 13.94 19.87
N GLY A 371 -4.31 13.35 18.73
CA GLY A 371 -4.43 11.90 18.62
C GLY A 371 -3.13 11.11 18.68
N ILE A 372 -2.07 11.62 18.05
CA ILE A 372 -0.82 10.85 17.86
C ILE A 372 0.37 11.27 18.73
N VAL A 373 0.51 12.57 19.02
CA VAL A 373 1.69 13.07 19.76
C VAL A 373 1.64 12.53 21.20
N ASN A 374 2.52 11.56 21.47
CA ASN A 374 2.47 10.77 22.72
C ASN A 374 1.11 10.09 22.88
N GLY A 375 0.63 9.51 21.78
CA GLY A 375 -0.68 8.88 21.71
C GLY A 375 -0.70 7.73 20.72
N GLY A 376 -1.86 7.53 20.08
CA GLY A 376 -2.07 6.40 19.16
C GLY A 376 -1.65 6.69 17.74
N GLY A 377 -2.29 6.02 16.79
CA GLY A 377 -2.06 6.22 15.35
C GLY A 377 -3.33 6.61 14.64
N ILE A 378 -3.19 7.32 13.51
CA ILE A 378 -4.35 7.75 12.71
C ILE A 378 -4.11 7.43 11.24
N THR A 379 -4.97 6.60 10.66
CA THR A 379 -5.08 6.46 9.22
C THR A 379 -6.11 7.49 8.75
N TRP A 380 -5.65 8.61 8.21
CA TRP A 380 -6.55 9.61 7.65
C TRP A 380 -7.14 9.12 6.32
N GLY A 381 -8.46 9.22 6.19
CA GLY A 381 -9.13 9.00 4.92
C GLY A 381 -8.89 10.20 4.02
N THR A 382 -7.73 10.21 3.38
CA THR A 382 -7.30 11.32 2.54
C THR A 382 -7.97 11.26 1.17
N PRO A 383 -8.66 12.35 0.75
CA PRO A 383 -9.45 12.30 -0.48
C PRO A 383 -8.62 12.57 -1.74
N LEU A 384 -8.79 11.70 -2.75
CA LEU A 384 -8.22 11.91 -4.08
C LEU A 384 -9.20 12.73 -4.93
N VAL A 385 -8.72 13.25 -6.05
CA VAL A 385 -9.51 14.15 -6.90
C VAL A 385 -10.65 13.38 -7.58
N ARG A 386 -10.31 12.26 -8.21
CA ARG A 386 -11.31 11.39 -8.84
C ARG A 386 -10.82 9.93 -8.79
N THR A 387 -11.60 9.08 -8.11
CA THR A 387 -11.19 7.71 -7.80
C THR A 387 -11.65 6.67 -8.84
N ASN A 388 -12.71 6.97 -9.58
CA ASN A 388 -13.28 6.03 -10.56
C ASN A 388 -12.33 5.83 -11.73
N LEU A 389 -11.79 4.61 -11.85
CA LEU A 389 -10.88 4.26 -12.95
C LEU A 389 -11.55 4.24 -14.34
N GLU A 390 -12.87 4.04 -14.37
CA GLU A 390 -13.62 4.04 -15.63
C GLU A 390 -13.95 5.44 -16.15
N ASN A 391 -13.90 6.45 -15.28
CA ASN A 391 -14.32 7.82 -15.63
C ASN A 391 -13.20 8.85 -15.39
N ALA A 392 -12.14 8.73 -16.20
CA ALA A 392 -11.02 9.70 -16.20
C ALA A 392 -10.40 9.91 -14.80
N PRO A 393 -9.74 8.87 -14.26
CA PRO A 393 -9.22 8.93 -12.89
C PRO A 393 -8.07 9.92 -12.70
N VAL A 394 -8.03 10.53 -11.51
CA VAL A 394 -6.93 11.39 -11.08
C VAL A 394 -6.56 10.96 -9.65
N LEU A 395 -5.57 10.07 -9.55
CA LEU A 395 -5.23 9.41 -8.28
C LEU A 395 -4.13 10.16 -7.51
N THR A 396 -4.39 11.43 -7.25
CA THR A 396 -3.55 12.28 -6.42
C THR A 396 -4.45 13.05 -5.45
N LEU A 397 -3.89 13.50 -4.33
CA LEU A 397 -4.68 14.20 -3.30
C LEU A 397 -5.31 15.47 -3.82
N GLN A 398 -6.52 15.78 -3.32
CA GLN A 398 -7.13 17.09 -3.48
C GLN A 398 -6.15 18.17 -2.98
N PRO A 399 -6.00 19.29 -3.72
CA PRO A 399 -5.14 20.41 -3.29
C PRO A 399 -5.38 20.87 -1.85
N TYR A 400 -6.63 20.95 -1.42
CA TYR A 400 -6.96 21.34 -0.04
C TYR A 400 -6.46 20.30 0.99
N ALA A 401 -6.51 19.02 0.61
CA ALA A 401 -6.04 17.94 1.48
C ALA A 401 -4.53 17.98 1.68
N LEU A 402 -3.78 18.19 0.60
CA LEU A 402 -2.33 18.35 0.65
C LEU A 402 -1.95 19.55 1.54
N ASN A 403 -2.64 20.66 1.34
CA ASN A 403 -2.45 21.88 2.15
C ASN A 403 -2.60 21.62 3.65
N GLN A 404 -3.61 20.84 4.03
CA GLN A 404 -3.82 20.47 5.43
C GLN A 404 -2.68 19.60 5.99
N PHE A 405 -2.16 18.69 5.17
CA PHE A 405 -1.00 17.88 5.56
C PHE A 405 0.31 18.69 5.61
N GLU A 406 0.45 19.68 4.75
CA GLU A 406 1.61 20.60 4.80
C GLU A 406 1.66 21.37 6.12
N LEU A 407 0.50 21.85 6.58
CA LEU A 407 0.39 22.54 7.86
C LEU A 407 0.59 21.58 9.05
N THR A 408 0.04 20.37 8.94
CA THR A 408 0.26 19.31 9.93
C THR A 408 1.73 18.91 10.02
N ASP A 409 2.39 18.83 8.86
CA ASP A 409 3.81 18.47 8.78
C ASP A 409 4.70 19.48 9.51
N THR A 410 4.45 20.77 9.25
CA THR A 410 5.16 21.86 9.93
C THR A 410 4.99 21.84 11.46
N TYR A 411 3.79 21.46 11.92
CA TYR A 411 3.52 21.33 13.35
C TYR A 411 4.24 20.12 13.96
N LEU A 412 4.07 18.95 13.34
CA LEU A 412 4.66 17.71 13.86
C LEU A 412 6.20 17.68 13.81
N LYS A 413 6.79 18.37 12.83
CA LYS A 413 8.25 18.56 12.78
C LYS A 413 8.79 19.19 14.07
N GLU A 414 8.08 20.21 14.55
CA GLU A 414 8.48 20.95 15.75
C GLU A 414 8.06 20.25 17.05
N PHE A 415 6.82 19.79 17.11
CA PHE A 415 6.18 19.44 18.40
C PHE A 415 6.06 17.95 18.76
N GLN A 416 6.09 17.05 17.78
CA GLN A 416 5.88 15.62 18.07
C GLN A 416 6.99 15.01 18.92
N SER A 417 8.25 15.28 18.54
CA SER A 417 9.42 14.82 19.29
C SER A 417 10.41 15.97 19.48
N PRO A 418 10.15 16.87 20.45
CA PRO A 418 11.05 18.00 20.68
C PRO A 418 12.38 17.58 21.30
N GLY A 419 13.41 18.40 21.10
CA GLY A 419 14.74 18.18 21.65
C GLY A 419 15.70 17.66 20.60
N LYS A 420 15.98 16.36 20.63
CA LYS A 420 16.94 15.75 19.72
C LYS A 420 16.40 15.70 18.28
N PRO A 421 17.30 15.55 17.28
CA PRO A 421 16.84 15.54 15.88
C PRO A 421 15.88 14.40 15.55
N ASN A 422 14.93 14.68 14.67
CA ASN A 422 13.96 13.69 14.18
C ASN A 422 14.35 13.28 12.77
N TRP A 423 14.15 12.01 12.45
CA TRP A 423 14.33 11.50 11.08
C TRP A 423 12.97 11.36 10.39
N SER A 424 13.00 11.32 9.06
CA SER A 424 11.78 11.36 8.26
C SER A 424 11.07 10.01 8.20
N ARG A 425 9.74 10.04 8.36
CA ARG A 425 8.88 8.89 8.09
C ARG A 425 9.25 7.67 8.95
N GLN A 426 9.28 6.46 8.38
CA GLN A 426 9.69 5.25 9.11
C GLN A 426 11.10 4.77 8.73
N TYR A 427 11.39 4.74 7.43
CA TYR A 427 12.70 4.29 6.92
C TYR A 427 13.46 5.40 6.19
N THR A 428 14.78 5.25 6.16
CA THR A 428 15.66 6.03 5.27
C THR A 428 16.27 5.02 4.29
N ILE A 429 15.87 5.13 3.02
CA ILE A 429 16.28 4.18 1.98
C ILE A 429 17.48 4.71 1.20
N LEU A 430 18.59 4.00 1.29
CA LEU A 430 19.77 4.29 0.48
C LEU A 430 19.64 3.56 -0.86
N PRO A 431 20.10 4.19 -1.97
CA PRO A 431 20.16 3.50 -3.27
C PRO A 431 20.99 2.21 -3.26
N ALA A 432 20.71 1.33 -4.23
CA ALA A 432 21.42 0.06 -4.34
C ALA A 432 22.87 0.26 -4.78
N ILE A 433 23.75 -0.66 -4.38
CA ILE A 433 25.16 -0.66 -4.78
C ILE A 433 25.25 -1.24 -6.18
N TYR A 434 25.89 -0.49 -7.09
CA TYR A 434 26.22 -0.98 -8.43
C TYR A 434 27.74 -1.16 -8.49
N PRO A 435 28.22 -2.43 -8.42
CA PRO A 435 29.67 -2.69 -8.44
C PRO A 435 30.39 -2.06 -9.63
N GLY A 436 31.42 -1.26 -9.35
CA GLY A 436 32.19 -0.56 -10.39
C GLY A 436 31.73 0.87 -10.68
N GLN A 437 30.45 1.17 -10.48
CA GLN A 437 29.88 2.47 -10.81
C GLN A 437 30.04 3.44 -9.62
N PRO A 438 30.03 4.77 -9.88
CA PRO A 438 30.11 5.71 -8.76
C PRO A 438 28.80 5.76 -7.95
N TYR A 439 28.92 5.77 -6.63
CA TYR A 439 27.78 5.86 -5.72
C TYR A 439 27.69 7.27 -5.16
N SER A 440 26.48 7.84 -5.14
CA SER A 440 26.26 9.18 -4.60
C SER A 440 24.79 9.37 -4.21
N HIS A 441 24.55 9.70 -2.94
CA HIS A 441 23.20 9.97 -2.42
C HIS A 441 23.25 11.06 -1.37
N ASN A 442 22.42 12.09 -1.54
CA ASN A 442 22.36 13.23 -0.62
C ASN A 442 21.29 13.02 0.44
N LEU A 443 21.63 13.33 1.69
CA LEU A 443 20.68 13.42 2.78
C LEU A 443 20.55 14.90 3.15
N VAL A 444 19.40 15.49 2.82
CA VAL A 444 19.20 16.93 2.94
C VAL A 444 18.52 17.27 4.27
N GLU A 445 19.00 18.34 4.91
CA GLU A 445 18.39 18.85 6.14
C GLU A 445 17.06 19.51 5.81
N GLY A 446 16.02 19.11 6.55
CA GLY A 446 14.64 19.49 6.24
C GLY A 446 13.86 18.38 5.54
N VAL A 447 14.57 17.59 4.73
CA VAL A 447 14.00 16.40 4.09
C VAL A 447 14.19 15.16 4.98
N ASP A 448 15.39 14.56 4.97
CA ASP A 448 15.62 13.28 5.65
C ASP A 448 15.74 13.39 7.17
N PHE A 449 16.28 14.50 7.66
CA PHE A 449 16.36 14.79 9.09
C PHE A 449 16.25 16.30 9.36
N TRP A 450 15.92 16.66 10.59
CA TRP A 450 15.78 18.06 10.98
C TRP A 450 15.86 18.28 12.49
N ASP A 451 16.17 19.52 12.87
CA ASP A 451 16.10 19.98 14.24
C ASP A 451 14.68 20.49 14.51
N PRO A 452 13.97 19.91 15.50
CA PRO A 452 12.62 20.39 15.85
C PRO A 452 12.53 21.88 16.20
N GLU A 453 13.48 22.39 16.98
CA GLU A 453 13.48 23.79 17.42
C GLU A 453 13.86 24.79 16.32
N GLY A 454 14.50 24.31 15.26
CA GLY A 454 14.88 25.14 14.11
C GLY A 454 16.19 25.89 14.26
N VAL A 455 17.08 25.39 15.13
CA VAL A 455 18.42 25.96 15.28
C VAL A 455 19.29 25.45 14.14
N GLY A 456 19.39 24.12 14.03
CA GLY A 456 20.11 23.47 12.93
C GLY A 456 20.79 22.18 13.31
N ILE A 457 21.18 21.42 12.29
CA ILE A 457 21.93 20.18 12.45
C ILE A 457 23.41 20.54 12.53
N THR A 458 24.05 20.19 13.65
CA THR A 458 25.47 20.48 13.86
C THR A 458 26.38 19.56 13.04
N GLY A 459 26.01 18.29 12.93
CA GLY A 459 26.76 17.33 12.12
C GLY A 459 26.02 16.03 11.84
N LEU A 460 26.52 15.28 10.86
CA LEU A 460 25.99 13.96 10.49
C LEU A 460 27.16 12.98 10.32
N THR A 461 27.18 11.94 11.13
CA THR A 461 28.20 10.88 11.08
C THR A 461 27.53 9.51 11.11
N ALA A 462 28.34 8.46 10.92
CA ALA A 462 27.86 7.08 10.93
C ALA A 462 28.67 6.20 11.89
N SER A 463 28.13 5.03 12.20
CA SER A 463 28.80 4.03 13.04
C SER A 463 28.34 2.63 12.68
N GLY A 464 29.19 1.65 12.97
CA GLY A 464 28.96 0.25 12.61
C GLY A 464 29.82 -0.16 11.42
N THR A 465 29.51 -1.32 10.85
CA THR A 465 30.27 -1.88 9.73
C THR A 465 29.85 -1.20 8.41
N LEU A 466 30.58 -0.14 8.06
CA LEU A 466 30.41 0.52 6.76
C LEU A 466 31.30 -0.16 5.72
N PRO A 467 30.99 0.02 4.41
CA PRO A 467 31.97 -0.38 3.39
C PRO A 467 33.21 0.51 3.44
N ALA A 468 34.37 -0.07 3.13
CA ALA A 468 35.64 0.67 3.09
C ALA A 468 35.62 1.84 2.10
N TRP A 469 34.99 1.61 0.94
CA TRP A 469 34.82 2.64 -0.10
C TRP A 469 33.87 3.79 0.26
N LEU A 470 32.85 3.51 1.06
CA LEU A 470 31.79 4.48 1.37
C LEU A 470 32.26 5.59 2.30
N THR A 471 31.79 6.82 2.04
CA THR A 471 32.24 8.02 2.73
C THR A 471 31.08 9.00 2.94
N ILE A 472 31.07 9.68 4.08
CA ILE A 472 30.12 10.76 4.38
C ILE A 472 30.87 12.09 4.39
N SER A 473 30.27 13.11 3.79
CA SER A 473 30.85 14.46 3.78
C SER A 473 29.79 15.53 3.48
N GLN A 474 29.97 16.71 4.05
CA GLN A 474 29.08 17.84 3.81
C GLN A 474 29.54 18.62 2.57
N THR A 475 28.88 18.35 1.44
CA THR A 475 29.22 18.97 0.16
C THR A 475 28.78 20.43 0.10
N ALA A 476 27.51 20.66 0.46
CA ALA A 476 26.94 22.00 0.55
C ALA A 476 26.28 22.19 1.92
N THR A 477 25.83 23.40 2.20
CA THR A 477 25.18 23.73 3.48
C THR A 477 23.82 23.02 3.62
N GLY A 478 23.61 22.38 4.76
CA GLY A 478 22.41 21.59 5.03
C GLY A 478 22.25 20.34 4.15
N THR A 479 23.36 19.80 3.65
CA THR A 479 23.36 18.65 2.74
C THR A 479 24.60 17.79 2.96
N TRP A 480 24.40 16.56 3.43
CA TRP A 480 25.47 15.57 3.60
C TRP A 480 25.31 14.50 2.52
N THR A 481 26.44 14.06 1.97
CA THR A 481 26.47 13.17 0.81
C THR A 481 27.15 11.85 1.15
N LEU A 482 26.41 10.75 1.01
CA LEU A 482 26.98 9.39 1.10
C LEU A 482 27.53 9.03 -0.28
N SER A 483 28.87 9.01 -0.40
CA SER A 483 29.52 8.81 -1.70
C SER A 483 30.75 7.92 -1.63
N GLY A 484 31.19 7.49 -2.81
CA GLY A 484 32.32 6.58 -2.99
C GLY A 484 32.10 5.74 -4.24
N THR A 485 33.08 4.89 -4.56
CA THR A 485 32.99 4.00 -5.71
C THR A 485 33.29 2.55 -5.28
N PRO A 486 32.26 1.68 -5.23
CA PRO A 486 32.52 0.27 -4.93
C PRO A 486 33.34 -0.43 -6.02
N PRO A 487 34.19 -1.41 -5.65
CA PRO A 487 34.84 -2.26 -6.66
C PRO A 487 33.85 -3.16 -7.40
N VAL A 488 34.32 -3.78 -8.48
CA VAL A 488 33.50 -4.71 -9.28
C VAL A 488 33.23 -6.01 -8.50
N SER A 489 34.16 -6.36 -7.60
CA SER A 489 34.02 -7.56 -6.75
C SER A 489 33.11 -7.40 -5.53
N GLU A 490 32.57 -6.20 -5.30
CA GLU A 490 31.63 -5.96 -4.19
C GLU A 490 30.37 -6.82 -4.32
N ALA A 491 30.12 -7.66 -3.32
CA ALA A 491 28.98 -8.59 -3.34
C ALA A 491 28.53 -8.96 -1.93
N SER A 492 28.25 -7.96 -1.10
CA SER A 492 27.81 -8.16 0.28
C SER A 492 26.85 -7.07 0.77
N ASN A 493 26.13 -7.37 1.86
CA ASN A 493 25.19 -6.44 2.48
C ASN A 493 25.86 -5.69 3.62
N TYR A 494 25.31 -4.51 3.92
CA TYR A 494 25.80 -3.67 5.02
C TYR A 494 24.62 -3.10 5.81
N THR A 495 24.72 -3.13 7.13
CA THR A 495 23.72 -2.55 8.03
C THR A 495 24.45 -1.70 9.07
N PHE A 496 24.18 -0.40 9.07
CA PHE A 496 24.85 0.55 9.96
C PHE A 496 23.92 1.70 10.37
N GLU A 497 24.38 2.47 11.35
CA GLU A 497 23.62 3.59 11.91
C GLU A 497 24.06 4.91 11.26
N LEU A 498 23.10 5.78 10.99
CA LEU A 498 23.36 7.18 10.67
C LEU A 498 22.95 8.01 11.88
N MET A 499 23.77 9.02 12.22
CA MET A 499 23.62 9.76 13.47
C MET A 499 23.53 11.27 13.22
N ALA A 500 22.30 11.79 13.28
CA ALA A 500 22.04 13.23 13.16
C ALA A 500 22.19 13.89 14.53
N GLN A 501 22.93 15.00 14.58
CA GLN A 501 23.27 15.67 15.85
C GLN A 501 22.84 17.14 15.84
N ASP A 502 22.42 17.64 17.00
CA ASP A 502 22.21 19.07 17.22
C ASP A 502 22.60 19.47 18.65
N SER A 503 22.30 20.71 19.04
CA SER A 503 22.59 21.22 20.39
C SER A 503 22.02 20.35 21.52
N ASP A 504 20.80 19.83 21.34
CA ASP A 504 20.14 19.03 22.36
C ASP A 504 20.69 17.61 22.50
N GLY A 505 21.15 17.01 21.41
CA GLY A 505 21.74 15.67 21.46
C GLY A 505 22.00 15.02 20.11
N VAL A 506 21.85 13.69 20.06
CA VAL A 506 22.09 12.90 18.85
C VAL A 506 21.02 11.80 18.71
N THR A 507 20.57 11.55 17.48
CA THR A 507 19.54 10.55 17.18
C THR A 507 20.01 9.59 16.11
N ASN A 508 19.80 8.29 16.34
CA ASN A 508 20.21 7.23 15.42
C ASN A 508 19.12 6.89 14.41
N ARG A 509 19.53 6.30 13.28
CA ARG A 509 18.63 5.79 12.26
C ARG A 509 19.36 4.69 11.50
N GLU A 510 18.86 3.47 11.59
CA GLU A 510 19.46 2.31 10.91
C GLU A 510 19.17 2.40 9.41
N VAL A 511 20.17 2.04 8.60
CA VAL A 511 20.05 2.03 7.15
C VAL A 511 20.65 0.75 6.57
N LYS A 512 20.22 0.41 5.36
CA LYS A 512 20.67 -0.79 4.66
C LYS A 512 21.30 -0.43 3.31
N LEU A 513 22.32 -1.20 2.93
CA LEU A 513 22.95 -1.10 1.62
C LEU A 513 23.01 -2.48 0.99
N GLU A 514 22.30 -2.67 -0.11
CA GLU A 514 22.24 -3.95 -0.81
C GLU A 514 22.82 -3.81 -2.22
N VAL A 515 23.44 -4.89 -2.69
CA VAL A 515 23.99 -4.94 -4.05
C VAL A 515 22.87 -5.23 -5.04
N ILE A 516 22.91 -4.56 -6.19
CA ILE A 516 21.87 -4.70 -7.22
C ILE A 516 21.84 -6.13 -7.81
N SER A 517 20.62 -6.61 -8.05
CA SER A 517 20.37 -7.90 -8.68
C SER A 517 19.78 -7.64 -10.06
N HIS A 518 20.58 -7.83 -11.11
CA HIS A 518 20.15 -7.56 -12.49
C HIS A 518 19.13 -8.62 -12.95
N PRO A 519 18.22 -8.24 -13.87
CA PRO A 519 17.20 -9.18 -14.34
C PRO A 519 17.75 -10.19 -15.35
N ALA A 520 17.04 -11.31 -15.49
CA ALA A 520 17.42 -12.37 -16.43
C ALA A 520 17.00 -12.02 -17.86
N GLY A 521 17.77 -12.50 -18.83
CA GLY A 521 17.51 -12.25 -20.25
C GLY A 521 17.88 -10.87 -20.73
N PHE A 522 18.97 -10.32 -20.18
CA PHE A 522 19.47 -8.99 -20.56
C PHE A 522 21.00 -9.02 -20.61
N THR A 523 21.56 -8.46 -21.69
CA THR A 523 22.99 -8.47 -21.94
C THR A 523 23.57 -7.07 -21.71
N ASN A 524 24.58 -6.97 -20.85
CA ASN A 524 25.24 -5.70 -20.53
C ASN A 524 26.18 -5.32 -21.69
N PRO A 525 25.96 -4.14 -22.31
CA PRO A 525 26.90 -3.68 -23.34
C PRO A 525 28.21 -3.14 -22.78
N GLY A 526 28.19 -2.63 -21.54
CA GLY A 526 29.38 -2.14 -20.86
C GLY A 526 29.86 -0.78 -21.34
N ASP A 527 28.92 0.06 -21.81
CA ASP A 527 29.23 1.43 -22.25
C ASP A 527 28.19 2.48 -21.77
N GLY A 528 27.36 2.13 -20.80
CA GLY A 528 26.28 3.00 -20.33
C GLY A 528 24.97 2.94 -21.10
N THR A 529 24.90 2.15 -22.18
CA THR A 529 23.75 2.16 -23.07
C THR A 529 22.56 1.40 -22.46
N PRO A 530 21.38 2.05 -22.37
CA PRO A 530 20.18 1.31 -21.97
C PRO A 530 19.66 0.47 -23.13
N VAL A 531 19.25 -0.76 -22.84
CA VAL A 531 18.95 -1.76 -23.87
C VAL A 531 17.54 -2.35 -23.73
N TRP A 532 16.94 -2.68 -24.88
CA TRP A 532 15.67 -3.40 -24.93
C TRP A 532 15.92 -4.90 -24.74
N PHE A 533 14.85 -5.62 -24.40
CA PHE A 533 14.90 -7.08 -24.22
C PHE A 533 15.30 -7.81 -25.49
N SER A 534 14.78 -7.36 -26.63
CA SER A 534 15.04 -8.00 -27.93
C SER A 534 14.67 -7.09 -29.10
N ASN A 535 15.15 -7.47 -30.28
CA ASN A 535 14.84 -6.79 -31.54
C ASN A 535 14.66 -7.84 -32.64
N PRO A 536 13.44 -8.03 -33.18
CA PRO A 536 12.21 -7.30 -32.80
C PRO A 536 11.64 -7.68 -31.44
N MET A 537 10.49 -7.10 -31.10
CA MET A 537 9.75 -7.41 -29.88
C MET A 537 8.26 -7.37 -30.16
N VAL A 538 7.65 -8.54 -30.32
CA VAL A 538 6.24 -8.64 -30.69
C VAL A 538 5.37 -8.71 -29.44
N LEU A 539 4.24 -8.00 -29.48
CA LEU A 539 3.29 -7.91 -28.38
C LEU A 539 1.99 -8.66 -28.75
N ALA A 540 0.98 -8.57 -27.90
CA ALA A 540 -0.33 -9.21 -28.15
C ALA A 540 -1.06 -8.59 -29.35
N LYS A 541 -2.00 -9.36 -29.91
CA LYS A 541 -2.77 -8.94 -31.08
C LYS A 541 -3.80 -7.87 -30.73
N ALA A 542 -4.21 -7.11 -31.75
CA ALA A 542 -5.19 -6.02 -31.60
C ALA A 542 -6.36 -6.17 -32.57
N THR A 543 -7.45 -5.47 -32.26
CA THR A 543 -8.67 -5.46 -33.09
C THR A 543 -9.14 -4.03 -33.28
N ALA A 544 -9.72 -3.75 -34.45
CA ALA A 544 -10.19 -2.41 -34.80
C ALA A 544 -11.43 -2.02 -33.98
N LEU A 545 -11.20 -1.33 -32.87
CA LEU A 545 -12.24 -0.98 -31.90
C LEU A 545 -12.80 -2.22 -31.19
N ASP A 547 -10.33 -0.96 -28.25
CA ASP A 547 -9.16 -0.37 -27.61
C ASP A 547 -8.09 -1.42 -27.32
N TYR A 548 -6.83 -1.03 -27.47
CA TYR A 548 -5.68 -1.91 -27.20
C TYR A 548 -5.13 -1.62 -25.79
N GLY A 549 -4.41 -2.59 -25.23
CA GLY A 549 -3.80 -2.45 -23.90
C GLY A 549 -2.59 -3.35 -23.72
N SER A 550 -1.43 -2.75 -23.49
CA SER A 550 -0.18 -3.49 -23.26
C SER A 550 0.81 -2.63 -22.46
N LEU A 551 1.62 -3.30 -21.63
CA LEU A 551 2.53 -2.63 -20.71
C LEU A 551 4.00 -2.90 -21.05
N LEU A 552 4.82 -1.85 -21.00
CA LEU A 552 6.26 -1.96 -21.12
C LEU A 552 6.86 -1.65 -19.75
N LYS A 553 7.59 -2.62 -19.20
CA LYS A 553 8.09 -2.54 -17.81
C LYS A 553 9.61 -2.62 -17.74
N LEU A 554 10.18 -1.89 -16.77
CA LEU A 554 11.63 -1.91 -16.51
C LEU A 554 12.03 -3.26 -15.94
N GLY A 555 13.08 -3.86 -16.52
CA GLY A 555 13.54 -5.20 -16.12
C GLY A 555 12.86 -6.36 -16.83
N VAL A 556 11.84 -6.07 -17.65
CA VAL A 556 11.13 -7.08 -18.44
C VAL A 556 11.32 -6.80 -19.93
N ASP A 557 10.88 -5.62 -20.38
CA ASP A 557 10.96 -5.22 -21.78
C ASP A 557 12.16 -4.31 -22.10
N PHE A 558 12.62 -3.53 -21.13
CA PHE A 558 13.82 -2.70 -21.28
C PHE A 558 14.56 -2.62 -19.94
N TYR A 559 15.86 -2.34 -19.99
CA TYR A 559 16.68 -2.24 -18.78
C TYR A 559 17.93 -1.37 -18.98
N ASP A 560 18.37 -0.76 -17.88
CA ASP A 560 19.62 -0.01 -17.81
C ASP A 560 20.46 -0.54 -16.65
N PHE A 561 21.71 -0.90 -16.93
CA PHE A 561 22.58 -1.56 -15.95
C PHE A 561 23.20 -0.60 -14.92
N GLU A 562 23.12 0.71 -15.16
CA GLU A 562 23.58 1.73 -14.19
C GLU A 562 22.42 2.22 -13.29
N GLY A 563 21.20 1.83 -13.61
CA GLY A 563 20.01 2.29 -12.87
C GLY A 563 19.64 3.73 -13.15
N ASP A 564 19.97 4.22 -14.34
CA ASP A 564 19.61 5.59 -14.74
C ASP A 564 18.12 5.63 -15.07
N VAL A 565 17.46 6.72 -14.69
CA VAL A 565 16.05 6.94 -15.04
C VAL A 565 15.91 7.06 -16.56
N LEU A 566 14.87 6.44 -17.12
CA LEU A 566 14.76 6.26 -18.56
C LEU A 566 13.56 6.95 -19.19
N THR A 567 13.69 7.22 -20.49
CA THR A 567 12.64 7.83 -21.31
C THR A 567 12.44 6.95 -22.54
N ILE A 568 11.18 6.82 -22.96
CA ILE A 568 10.81 5.98 -24.11
C ILE A 568 10.00 6.81 -25.09
N THR A 569 10.33 6.68 -26.37
CA THR A 569 9.73 7.49 -27.42
C THR A 569 9.38 6.62 -28.63
N LYS A 570 8.13 6.73 -29.08
CA LYS A 570 7.69 6.15 -30.34
C LYS A 570 8.18 7.05 -31.47
N THR A 571 9.16 6.56 -32.23
CA THR A 571 9.81 7.35 -33.29
C THR A 571 9.26 7.12 -34.70
N SER A 572 8.56 6.00 -34.92
CA SER A 572 7.89 5.74 -36.20
C SER A 572 6.76 4.72 -36.06
N GLY A 573 5.92 4.65 -37.11
CA GLY A 573 4.85 3.66 -37.22
C GLY A 573 3.45 4.28 -37.31
N PRO A 574 2.41 3.44 -37.42
CA PRO A 574 1.01 3.88 -37.44
C PRO A 574 0.60 4.79 -36.27
N ASP A 575 -0.37 5.67 -36.53
CA ASP A 575 -0.77 6.69 -35.55
C ASP A 575 -1.55 6.14 -34.36
N TRP A 576 -2.36 5.10 -34.58
CA TRP A 576 -3.27 4.59 -33.54
C TRP A 576 -2.63 4.27 -32.18
N LEU A 577 -1.40 3.76 -32.20
CA LEU A 577 -0.72 3.36 -30.96
C LEU A 577 -0.30 4.57 -30.11
N VAL A 578 -1.02 4.77 -29.00
CA VAL A 578 -0.75 5.86 -28.05
C VAL A 578 0.25 5.37 -26.99
N LEU A 579 1.25 6.20 -26.70
CA LEU A 579 2.24 5.93 -25.64
C LEU A 579 2.06 6.93 -24.51
N THR A 580 2.01 6.43 -23.27
CA THR A 580 1.89 7.27 -22.07
C THR A 580 2.66 6.64 -20.90
N GLN A 581 3.40 7.48 -20.17
CA GLN A 581 4.18 7.04 -19.01
C GLN A 581 3.31 7.02 -17.76
N ASN A 582 3.34 5.90 -17.04
CA ASN A 582 2.68 5.76 -15.73
C ASN A 582 3.67 5.97 -14.57
N SER A 583 4.92 5.57 -14.76
CA SER A 583 5.97 5.76 -13.74
C SER A 583 7.36 5.68 -14.38
N ASP A 584 8.40 5.83 -13.56
CA ASP A 584 9.79 5.61 -13.99
C ASP A 584 10.07 4.19 -14.50
N ASP A 585 9.29 3.21 -14.04
CA ASP A 585 9.48 1.80 -14.43
C ASP A 585 8.33 1.18 -15.23
N THR A 586 7.30 1.97 -15.59
CA THR A 586 6.13 1.46 -16.32
C THR A 586 5.64 2.43 -17.39
N TRP A 587 5.41 1.90 -18.60
CA TRP A 587 4.85 2.65 -19.73
C TRP A 587 3.67 1.88 -20.32
N ARG A 588 2.57 2.58 -20.62
CA ARG A 588 1.35 1.94 -21.14
C ARG A 588 1.13 2.24 -22.62
N LEU A 589 0.98 1.19 -23.42
CA LEU A 589 0.58 1.29 -24.83
C LEU A 589 -0.94 1.11 -24.92
N SER A 590 -1.59 2.02 -25.65
CA SER A 590 -3.06 1.99 -25.79
C SER A 590 -3.48 2.54 -27.17
N GLY A 591 -4.79 2.79 -27.34
CA GLY A 591 -5.33 3.44 -28.52
C GLY A 591 -6.10 2.49 -29.43
N MET A 592 -7.03 3.06 -30.19
CA MET A 592 -7.96 2.31 -31.03
C MET A 592 -7.44 2.22 -32.47
N PRO A 593 -7.16 1.00 -32.97
CA PRO A 593 -6.78 0.87 -34.40
C PRO A 593 -7.96 1.13 -35.35
N THR A 594 -7.68 1.81 -36.46
CA THR A 594 -8.67 2.04 -37.52
C THR A 594 -8.79 0.82 -38.42
N ALA A 595 -9.78 0.84 -39.31
CA ALA A 595 -10.00 -0.24 -40.29
C ALA A 595 -8.80 -0.44 -41.23
N ALA A 596 -8.10 0.65 -41.55
CA ALA A 596 -6.91 0.61 -42.43
C ALA A 596 -5.64 0.05 -41.79
N ASP A 597 -5.64 -0.17 -40.46
CA ASP A 597 -4.45 -0.65 -39.74
C ASP A 597 -4.36 -2.19 -39.56
N ALA A 598 -5.22 -2.94 -40.26
CA ALA A 598 -5.21 -4.41 -40.17
C ALA A 598 -4.06 -5.01 -40.98
N GLY A 599 -3.31 -5.92 -40.36
CA GLY A 599 -2.21 -6.63 -41.03
C GLY A 599 -1.03 -6.92 -40.12
N GLU A 600 0.05 -6.16 -40.31
CA GLU A 600 1.28 -6.30 -39.51
C GLU A 600 1.91 -4.93 -39.29
N ASN A 601 1.53 -4.29 -38.17
CA ASN A 601 1.95 -2.92 -37.86
C ASN A 601 3.32 -2.93 -37.20
N SER A 602 4.26 -2.18 -37.78
CA SER A 602 5.63 -2.08 -37.28
C SER A 602 5.90 -0.69 -36.72
N PHE A 603 6.48 -0.63 -35.52
CA PHE A 603 6.86 0.62 -34.86
C PHE A 603 8.33 0.57 -34.47
N THR A 604 8.99 1.73 -34.44
CA THR A 604 10.34 1.85 -33.89
C THR A 604 10.27 2.59 -32.56
N PHE A 605 10.81 1.98 -31.51
CA PHE A 605 10.79 2.54 -30.16
C PHE A 605 12.21 2.76 -29.65
N ASN A 606 12.48 3.95 -29.12
CA ASN A 606 13.79 4.33 -28.57
C ASN A 606 13.75 4.31 -27.05
N VAL A 607 14.88 3.98 -26.42
CA VAL A 607 15.04 4.09 -24.96
C VAL A 607 16.35 4.82 -24.64
N SER A 608 16.26 5.84 -23.79
CA SER A 608 17.37 6.78 -23.52
C SER A 608 17.58 7.00 -22.02
N ASP A 609 18.69 7.66 -21.68
CA ASP A 609 19.00 8.06 -20.30
C ASP A 609 19.46 9.51 -20.21
N ILE A 611 21.68 10.69 -22.67
CA ILE A 611 22.92 10.73 -23.43
C ILE A 611 22.98 9.54 -24.40
N LEU A 612 23.16 8.34 -23.86
CA LEU A 612 23.21 7.11 -24.67
C LEU A 612 21.81 6.56 -24.90
N SER A 613 21.59 5.92 -26.04
CA SER A 613 20.30 5.33 -26.38
C SER A 613 20.42 4.22 -27.44
N SER A 614 19.34 3.45 -27.58
CA SER A 614 19.26 2.38 -28.58
C SER A 614 17.81 2.14 -29.01
N ASP A 615 17.60 2.00 -30.32
CA ASP A 615 16.27 1.75 -30.89
C ASP A 615 15.98 0.26 -31.01
N THR A 616 14.71 -0.07 -31.20
CA THR A 616 14.27 -1.44 -31.50
C THR A 616 12.96 -1.43 -32.28
N GLU A 617 12.73 -2.49 -33.05
CA GLU A 617 11.46 -2.68 -33.75
C GLU A 617 10.46 -3.35 -32.81
N ILE A 618 9.23 -2.85 -32.80
CA ILE A 618 8.11 -3.48 -32.09
C ILE A 618 7.02 -3.76 -33.11
N LYS A 619 6.75 -5.04 -33.35
CA LYS A 619 5.70 -5.48 -34.28
C LYS A 619 4.41 -5.77 -33.53
N ILE A 620 3.27 -5.47 -34.17
CA ILE A 620 1.94 -5.82 -33.65
C ILE A 620 1.06 -6.29 -34.81
N THR A 621 0.66 -7.55 -34.77
CA THR A 621 -0.33 -8.08 -35.71
C THR A 621 -1.72 -7.53 -35.36
N VAL A 622 -2.52 -7.25 -36.37
CA VAL A 622 -3.87 -6.69 -36.18
C VAL A 622 -4.85 -7.42 -37.11
CA CA B . -6.94 -3.92 30.31
CA CA C . 5.99 10.59 12.09
CA CA D . 16.84 20.52 19.03
CA CA E . -15.50 -1.40 -18.67
CA CA F . 23.12 4.37 -18.56
C1 EDO G . -13.88 3.26 4.21
O1 EDO G . -12.99 2.42 3.47
C2 EDO G . -14.92 2.41 4.92
O2 EDO G . -14.62 2.35 6.33
#